data_3ZUY
#
_entry.id   3ZUY
#
_cell.length_a   73.350
_cell.length_b   73.350
_cell.length_c   162.450
_cell.angle_alpha   90.00
_cell.angle_beta   90.00
_cell.angle_gamma   90.00
#
_symmetry.space_group_name_H-M   'P 41 2 2'
#
loop_
_entity.id
_entity.type
_entity.pdbx_description
1 polymer Transporter
2 non-polymer 'SODIUM ION'
3 non-polymer 'TAUROCHOLIC ACID'
4 non-polymer 'LAURYL DIMETHYLAMINE-N-OXIDE'
5 non-polymer PHOSPHATIDYLETHANOLAMINE
6 water water
#
_entity_poly.entity_id   1
_entity_poly.type   'polypeptide(L)'
_entity_poly.pdbx_seq_one_letter_code
;MNILSKISSFIGKTFSLWAALFAAAAFFAPDTFKWAGPYIPWLLGIIMFGMGLTLKPSDFDILFKHPKVVIIGVIAQFAI
MPATAWLLSKLLNLPAEIAVGVILVGCCPGGTASNVMTYLARGNVALSVAVTSVSTLISPLLTPAIFLMLAGEMLEIQAA
GMLMSIVKMVLLPIVLGLIVHKVLGSKTEKLTDALPLVSVAAIVLIIGAVVGASKGKIMESGLLIFAVVVLHNGIGYLLG
FFAAKWTGLPYDAQKTLTIEVGMQNSGLAAALAAAHFAAAPVVAVPGALFSVWHNISGSLLATYWAAKAGKHKKPGSENL
YFQ
;
_entity_poly.pdbx_strand_id   A
#
loop_
_chem_comp.id
_chem_comp.type
_chem_comp.name
_chem_comp.formula
LDA non-polymer 'LAURYL DIMETHYLAMINE-N-OXIDE' 'C14 H31 N O'
NA non-polymer 'SODIUM ION' 'Na 1'
PTY non-polymer PHOSPHATIDYLETHANOLAMINE 'C40 H80 N O8 P'
TCH non-polymer 'TAUROCHOLIC ACID' 'C26 H45 N O7 S'
#
# COMPACT_ATOMS: atom_id res chain seq x y z
N ASN A 2 -20.37 -22.86 1.56
CA ASN A 2 -20.87 -22.23 0.33
C ASN A 2 -21.22 -20.75 0.56
N ILE A 3 -21.99 -20.44 1.62
CA ILE A 3 -22.40 -19.09 1.97
C ILE A 3 -21.21 -18.28 2.51
N LEU A 4 -20.35 -18.92 3.34
CA LEU A 4 -19.15 -18.31 3.94
C LEU A 4 -18.12 -17.89 2.87
N SER A 5 -18.00 -18.66 1.78
CA SER A 5 -17.08 -18.38 0.67
C SER A 5 -17.58 -17.20 -0.17
N LYS A 6 -18.91 -17.13 -0.42
CA LYS A 6 -19.56 -16.06 -1.18
C LYS A 6 -19.51 -14.74 -0.42
N ILE A 7 -19.62 -14.80 0.93
CA ILE A 7 -19.54 -13.66 1.85
C ILE A 7 -18.16 -12.99 1.70
N SER A 8 -17.09 -13.81 1.65
CA SER A 8 -15.70 -13.38 1.47
C SER A 8 -15.53 -12.73 0.09
N SER A 9 -16.16 -13.32 -0.95
CA SER A 9 -16.12 -12.85 -2.34
C SER A 9 -16.71 -11.44 -2.46
N PHE A 10 -17.91 -11.22 -1.88
CA PHE A 10 -18.61 -9.93 -1.88
C PHE A 10 -17.76 -8.87 -1.18
N ILE A 11 -17.36 -9.15 0.07
CA ILE A 11 -16.53 -8.28 0.92
C ILE A 11 -15.26 -7.82 0.19
N GLY A 12 -14.62 -8.75 -0.53
CA GLY A 12 -13.42 -8.48 -1.31
C GLY A 12 -13.70 -7.56 -2.49
N LYS A 13 -14.81 -7.81 -3.18
CA LYS A 13 -15.29 -7.05 -4.34
C LYS A 13 -15.99 -5.72 -3.96
N THR A 14 -16.13 -5.44 -2.64
CA THR A 14 -16.74 -4.22 -2.10
C THR A 14 -15.87 -3.65 -0.97
N PHE A 15 -14.56 -4.02 -0.92
CA PHE A 15 -13.62 -3.61 0.11
C PHE A 15 -13.72 -2.15 0.49
N SER A 16 -13.49 -1.24 -0.50
CA SER A 16 -13.50 0.21 -0.29
C SER A 16 -14.67 0.68 0.52
N LEU A 17 -15.88 0.13 0.24
CA LEU A 17 -17.13 0.47 0.91
C LEU A 17 -17.09 0.07 2.39
N TRP A 18 -16.63 -1.16 2.68
CA TRP A 18 -16.45 -1.66 4.05
C TRP A 18 -15.35 -0.87 4.76
N ALA A 19 -14.25 -0.57 4.08
CA ALA A 19 -13.17 0.23 4.68
C ALA A 19 -13.68 1.65 5.01
N ALA A 20 -14.50 2.21 4.12
CA ALA A 20 -15.11 3.53 4.33
C ALA A 20 -16.12 3.51 5.49
N LEU A 21 -16.86 2.38 5.66
CA LEU A 21 -17.83 2.23 6.74
C LEU A 21 -17.14 2.15 8.09
N PHE A 22 -16.08 1.33 8.20
CA PHE A 22 -15.28 1.22 9.42
C PHE A 22 -14.58 2.54 9.78
N ALA A 23 -14.01 3.24 8.76
CA ALA A 23 -13.40 4.57 8.96
C ALA A 23 -14.45 5.53 9.50
N ALA A 24 -15.70 5.49 8.95
CA ALA A 24 -16.81 6.33 9.40
C ALA A 24 -17.25 5.96 10.83
N ALA A 25 -17.32 4.64 11.14
CA ALA A 25 -17.69 4.12 12.45
C ALA A 25 -16.72 4.60 13.52
N ALA A 26 -15.40 4.58 13.20
CA ALA A 26 -14.31 5.03 14.06
C ALA A 26 -14.35 6.54 14.23
N PHE A 27 -14.77 7.28 13.18
CA PHE A 27 -14.84 8.74 13.23
C PHE A 27 -15.93 9.19 14.20
N PHE A 28 -17.15 8.69 14.04
CA PHE A 28 -18.28 9.01 14.91
C PHE A 28 -18.16 8.37 16.31
N ALA A 29 -17.44 7.24 16.42
CA ALA A 29 -17.24 6.54 17.70
C ALA A 29 -15.77 6.04 17.87
N PRO A 30 -14.83 6.95 18.25
CA PRO A 30 -13.41 6.55 18.36
C PRO A 30 -13.05 5.36 19.24
N ASP A 31 -13.69 5.22 20.41
CA ASP A 31 -13.43 4.13 21.36
C ASP A 31 -13.77 2.71 20.85
N THR A 32 -14.46 2.62 19.70
CA THR A 32 -14.85 1.36 19.07
C THR A 32 -13.62 0.65 18.46
N PHE A 33 -12.59 1.42 18.06
CA PHE A 33 -11.42 0.83 17.43
C PHE A 33 -10.08 1.17 18.06
N LYS A 34 -10.02 2.24 18.88
CA LYS A 34 -8.77 2.68 19.54
C LYS A 34 -7.94 1.57 20.22
N TRP A 35 -8.60 0.51 20.72
CA TRP A 35 -7.98 -0.65 21.37
C TRP A 35 -6.98 -1.37 20.43
N ALA A 36 -7.24 -1.34 19.12
CA ALA A 36 -6.42 -2.00 18.09
C ALA A 36 -5.10 -1.28 17.77
N GLY A 37 -4.93 -0.04 18.26
CA GLY A 37 -3.72 0.77 18.09
C GLY A 37 -2.42 0.02 18.41
N PRO A 38 -2.26 -0.57 19.63
CA PRO A 38 -1.03 -1.34 19.93
C PRO A 38 -0.90 -2.63 19.12
N TYR A 39 -1.98 -3.04 18.41
CA TYR A 39 -1.95 -4.25 17.60
C TYR A 39 -1.61 -3.98 16.12
N ILE A 40 -1.53 -2.69 15.72
CA ILE A 40 -1.19 -2.28 14.34
C ILE A 40 -0.01 -3.06 13.75
N PRO A 41 1.17 -3.16 14.42
CA PRO A 41 2.27 -3.94 13.84
C PRO A 41 1.93 -5.41 13.63
N TRP A 42 1.17 -6.02 14.57
CA TRP A 42 0.78 -7.44 14.48
C TRP A 42 -0.22 -7.64 13.35
N LEU A 43 -1.15 -6.68 13.17
CA LEU A 43 -2.16 -6.70 12.12
C LEU A 43 -1.47 -6.63 10.75
N LEU A 44 -0.58 -5.63 10.54
CA LEU A 44 0.17 -5.53 9.28
C LEU A 44 1.08 -6.76 9.08
N GLY A 45 1.66 -7.26 10.17
CA GLY A 45 2.48 -8.47 10.17
C GLY A 45 1.73 -9.68 9.63
N ILE A 46 0.40 -9.78 9.90
CA ILE A 46 -0.43 -10.88 9.41
C ILE A 46 -0.69 -10.73 7.91
N ILE A 47 -0.91 -9.48 7.44
CA ILE A 47 -1.13 -9.17 6.02
C ILE A 47 0.14 -9.52 5.23
N MET A 48 1.31 -9.15 5.75
CA MET A 48 2.58 -9.46 5.09
C MET A 48 2.90 -10.95 5.08
N PHE A 49 2.51 -11.68 6.15
CA PHE A 49 2.68 -13.13 6.24
C PHE A 49 1.85 -13.77 5.10
N GLY A 50 0.62 -13.27 4.90
CA GLY A 50 -0.31 -13.69 3.85
C GLY A 50 0.25 -13.51 2.45
N MET A 51 0.89 -12.34 2.18
CA MET A 51 1.53 -12.04 0.89
C MET A 51 2.64 -13.08 0.56
N GLY A 52 3.54 -13.34 1.50
CA GLY A 52 4.61 -14.32 1.36
C GLY A 52 4.09 -15.73 1.16
N LEU A 53 2.99 -16.06 1.87
CA LEU A 53 2.31 -17.36 1.81
C LEU A 53 1.78 -17.65 0.40
N THR A 54 1.30 -16.60 -0.32
CA THR A 54 0.78 -16.68 -1.70
C THR A 54 1.93 -16.55 -2.72
N LEU A 55 3.13 -16.22 -2.24
CA LEU A 55 4.31 -16.08 -3.11
C LEU A 55 4.98 -17.42 -3.31
N LYS A 56 5.47 -17.63 -4.53
CA LYS A 56 6.19 -18.84 -4.96
C LYS A 56 7.42 -18.41 -5.75
N PRO A 57 8.52 -19.20 -5.82
CA PRO A 57 9.70 -18.76 -6.60
C PRO A 57 9.42 -18.52 -8.09
N SER A 58 8.35 -19.14 -8.64
CA SER A 58 7.97 -18.95 -10.04
C SER A 58 7.46 -17.54 -10.32
N ASP A 59 6.97 -16.82 -9.27
CA ASP A 59 6.51 -15.43 -9.37
C ASP A 59 7.64 -14.44 -9.70
N PHE A 60 8.88 -14.89 -9.60
CA PHE A 60 10.06 -14.08 -9.89
C PHE A 60 10.67 -14.45 -11.25
N ASP A 61 10.03 -15.35 -12.01
CA ASP A 61 10.49 -15.78 -13.33
C ASP A 61 10.79 -14.62 -14.24
N ILE A 62 9.82 -13.70 -14.35
CA ILE A 62 9.89 -12.48 -15.14
C ILE A 62 11.07 -11.60 -14.73
N LEU A 63 11.47 -11.62 -13.44
CA LEU A 63 12.63 -10.86 -12.98
C LEU A 63 13.91 -11.42 -13.61
N PHE A 64 13.95 -12.74 -13.86
CA PHE A 64 15.14 -13.34 -14.46
C PHE A 64 15.06 -13.39 -15.98
N LYS A 65 13.83 -13.34 -16.54
CA LYS A 65 13.67 -13.42 -18.00
C LYS A 65 13.61 -12.04 -18.62
N HIS A 66 12.97 -11.08 -17.93
CA HIS A 66 12.87 -9.70 -18.41
C HIS A 66 13.25 -8.74 -17.27
N PRO A 67 14.53 -8.77 -16.82
CA PRO A 67 14.94 -7.88 -15.71
C PRO A 67 14.78 -6.39 -15.94
N LYS A 68 14.93 -5.91 -17.20
CA LYS A 68 14.81 -4.48 -17.49
C LYS A 68 13.38 -4.00 -17.26
N VAL A 69 12.39 -4.84 -17.60
CA VAL A 69 10.97 -4.50 -17.43
C VAL A 69 10.62 -4.39 -15.93
N VAL A 70 11.11 -5.33 -15.09
CA VAL A 70 10.83 -5.31 -13.64
C VAL A 70 11.55 -4.11 -13.00
N ILE A 71 12.81 -3.85 -13.40
CA ILE A 71 13.63 -2.74 -12.92
C ILE A 71 13.01 -1.37 -13.23
N ILE A 72 12.41 -1.21 -14.43
CA ILE A 72 11.70 0.01 -14.81
C ILE A 72 10.53 0.27 -13.84
N GLY A 73 9.76 -0.77 -13.54
CA GLY A 73 8.62 -0.75 -12.63
C GLY A 73 9.02 -0.35 -11.23
N VAL A 74 10.13 -0.92 -10.74
CA VAL A 74 10.69 -0.63 -9.42
C VAL A 74 11.16 0.84 -9.36
N ILE A 75 11.89 1.31 -10.40
CA ILE A 75 12.39 2.69 -10.50
C ILE A 75 11.22 3.64 -10.58
N ALA A 76 10.21 3.34 -11.43
CA ALA A 76 9.01 4.18 -11.57
C ALA A 76 8.40 4.41 -10.20
N GLN A 77 8.14 3.31 -9.44
CA GLN A 77 7.58 3.31 -8.11
C GLN A 77 8.32 4.26 -7.16
N PHE A 78 9.65 4.06 -6.97
CA PHE A 78 10.47 4.85 -6.03
C PHE A 78 10.91 6.23 -6.51
N ALA A 79 10.75 6.55 -7.81
CA ALA A 79 11.05 7.90 -8.30
C ALA A 79 9.75 8.74 -8.27
N ILE A 80 8.64 8.20 -8.79
CA ILE A 80 7.36 8.91 -8.90
C ILE A 80 6.63 9.19 -7.58
N MET A 81 6.28 8.14 -6.82
CA MET A 81 5.54 8.33 -5.56
C MET A 81 6.21 9.20 -4.49
N PRO A 82 7.50 9.03 -4.18
CA PRO A 82 8.13 9.95 -3.21
C PRO A 82 8.23 11.39 -3.75
N ALA A 83 8.64 11.58 -5.04
CA ALA A 83 8.75 12.93 -5.66
C ALA A 83 7.40 13.64 -5.78
N THR A 84 6.32 12.88 -6.10
CA THR A 84 4.98 13.48 -6.17
C THR A 84 4.55 13.94 -4.76
N ALA A 85 4.85 13.14 -3.70
CA ALA A 85 4.49 13.48 -2.31
C ALA A 85 5.19 14.77 -1.91
N TRP A 86 6.49 14.91 -2.26
CA TRP A 86 7.26 16.12 -1.96
C TRP A 86 6.73 17.33 -2.74
N LEU A 87 6.49 17.17 -4.05
CA LEU A 87 5.98 18.24 -4.93
C LEU A 87 4.63 18.77 -4.44
N LEU A 88 3.71 17.87 -4.06
CA LEU A 88 2.39 18.25 -3.54
C LEU A 88 2.49 18.93 -2.18
N SER A 89 3.47 18.52 -1.36
CA SER A 89 3.72 19.09 -0.03
C SER A 89 4.29 20.50 -0.19
N LYS A 90 5.13 20.70 -1.23
CA LYS A 90 5.72 22.00 -1.53
C LYS A 90 4.69 22.95 -2.15
N LEU A 91 4.05 22.53 -3.25
CA LEU A 91 3.06 23.33 -3.98
C LEU A 91 1.82 23.71 -3.17
N LEU A 92 1.36 22.81 -2.29
CA LEU A 92 0.16 23.10 -1.48
C LEU A 92 0.51 23.64 -0.08
N ASN A 93 1.81 23.86 0.19
CA ASN A 93 2.39 24.36 1.45
C ASN A 93 1.74 23.68 2.67
N LEU A 94 1.72 22.33 2.65
CA LEU A 94 1.10 21.53 3.72
C LEU A 94 1.78 21.72 5.08
N PRO A 95 1.01 21.69 6.21
CA PRO A 95 1.66 21.73 7.54
C PRO A 95 2.65 20.57 7.65
N ALA A 96 3.77 20.78 8.35
CA ALA A 96 4.83 19.78 8.48
C ALA A 96 4.36 18.34 8.74
N GLU A 97 3.44 18.15 9.72
CA GLU A 97 2.88 16.86 10.12
C GLU A 97 2.12 16.16 8.99
N ILE A 98 1.36 16.94 8.19
CA ILE A 98 0.65 16.42 7.02
C ILE A 98 1.66 16.05 5.94
N ALA A 99 2.61 16.96 5.64
CA ALA A 99 3.69 16.75 4.66
C ALA A 99 4.45 15.45 4.96
N VAL A 100 4.82 15.24 6.25
CA VAL A 100 5.53 14.02 6.68
C VAL A 100 4.69 12.72 6.42
N GLY A 101 3.38 12.80 6.66
CA GLY A 101 2.44 11.69 6.48
C GLY A 101 2.23 11.33 5.02
N VAL A 102 2.33 12.37 4.15
CA VAL A 102 2.19 12.24 2.70
C VAL A 102 3.49 11.69 2.12
N ILE A 103 4.62 12.24 2.54
CA ILE A 103 5.94 11.75 2.11
C ILE A 103 6.07 10.29 2.51
N LEU A 104 5.69 9.93 3.75
CA LEU A 104 5.73 8.53 4.21
C LEU A 104 4.97 7.58 3.29
N VAL A 105 3.72 7.95 2.90
CA VAL A 105 2.93 7.16 1.97
C VAL A 105 3.69 6.98 0.64
N GLY A 106 4.19 8.10 0.07
CA GLY A 106 4.92 8.08 -1.20
C GLY A 106 6.20 7.27 -1.14
N CYS A 107 6.82 7.18 0.03
CA CYS A 107 8.05 6.38 0.13
C CYS A 107 7.74 4.92 0.31
N CYS A 108 6.47 4.58 0.59
CA CYS A 108 6.21 3.16 0.77
C CYS A 108 6.27 2.36 -0.55
N PRO A 109 6.51 1.02 -0.48
CA PRO A 109 6.46 0.21 -1.72
C PRO A 109 5.02 0.13 -2.21
N GLY A 110 4.81 -0.54 -3.33
CA GLY A 110 3.47 -0.72 -3.90
C GLY A 110 2.61 -1.65 -3.05
N GLY A 111 1.31 -1.60 -3.31
CA GLY A 111 0.35 -2.42 -2.59
C GLY A 111 0.05 -3.67 -3.37
N THR A 112 -0.27 -4.78 -2.66
CA THR A 112 -0.62 -6.07 -3.28
C THR A 112 -1.90 -6.03 -4.09
N ALA A 113 -2.80 -5.11 -3.75
CA ALA A 113 -4.05 -4.95 -4.50
C ALA A 113 -3.79 -4.53 -5.94
N SER A 114 -2.56 -4.04 -6.28
CA SER A 114 -2.23 -3.70 -7.67
C SER A 114 -2.22 -4.97 -8.54
N ASN A 115 -1.91 -6.13 -7.92
CA ASN A 115 -1.88 -7.44 -8.59
C ASN A 115 -3.26 -7.81 -9.09
N VAL A 116 -4.30 -7.64 -8.24
CA VAL A 116 -5.72 -7.91 -8.56
C VAL A 116 -6.25 -6.89 -9.56
N MET A 117 -5.94 -5.59 -9.36
CA MET A 117 -6.36 -4.52 -10.27
C MET A 117 -5.80 -4.71 -11.68
N THR A 118 -4.52 -5.12 -11.79
CA THR A 118 -3.87 -5.43 -13.08
C THR A 118 -4.57 -6.59 -13.79
N TYR A 119 -5.00 -7.62 -13.01
CA TYR A 119 -5.72 -8.78 -13.53
C TYR A 119 -7.08 -8.32 -14.12
N LEU A 120 -7.73 -7.38 -13.45
CA LEU A 120 -9.01 -6.85 -13.93
C LEU A 120 -8.78 -5.91 -15.11
N ALA A 121 -7.66 -5.16 -15.11
CA ALA A 121 -7.32 -4.22 -16.20
C ALA A 121 -6.82 -4.93 -17.45
N ARG A 122 -6.75 -6.27 -17.41
CA ARG A 122 -6.21 -7.12 -18.48
C ARG A 122 -4.73 -6.78 -18.77
N GLY A 123 -4.00 -6.47 -17.71
CA GLY A 123 -2.58 -6.15 -17.79
C GLY A 123 -1.72 -7.38 -17.58
N ASN A 124 -0.42 -7.17 -17.56
CA ASN A 124 0.56 -8.22 -17.33
C ASN A 124 0.57 -8.50 -15.81
N VAL A 125 -0.07 -9.59 -15.38
CA VAL A 125 -0.18 -9.97 -13.96
C VAL A 125 1.18 -10.36 -13.40
N ALA A 126 1.94 -11.15 -14.15
CA ALA A 126 3.28 -11.59 -13.73
C ALA A 126 4.14 -10.39 -13.36
N LEU A 127 4.14 -9.34 -14.20
CA LEU A 127 4.91 -8.11 -13.96
C LEU A 127 4.44 -7.40 -12.69
N SER A 128 3.11 -7.31 -12.48
CA SER A 128 2.54 -6.62 -11.30
C SER A 128 3.01 -7.27 -10.02
N VAL A 129 2.92 -8.61 -9.94
CA VAL A 129 3.37 -9.44 -8.81
C VAL A 129 4.87 -9.25 -8.61
N ALA A 130 5.63 -9.25 -9.70
CA ALA A 130 7.08 -9.08 -9.61
C ALA A 130 7.47 -7.68 -9.16
N VAL A 131 6.78 -6.61 -9.63
CA VAL A 131 7.16 -5.26 -9.19
C VAL A 131 6.87 -5.05 -7.70
N THR A 132 5.66 -5.42 -7.24
CA THR A 132 5.25 -5.32 -5.84
C THR A 132 6.21 -6.08 -4.94
N SER A 133 6.52 -7.35 -5.28
CA SER A 133 7.43 -8.18 -4.47
C SER A 133 8.84 -7.60 -4.33
N VAL A 134 9.46 -7.16 -5.44
CA VAL A 134 10.81 -6.60 -5.42
C VAL A 134 10.84 -5.30 -4.60
N SER A 135 9.94 -4.37 -4.91
CA SER A 135 9.84 -3.07 -4.25
C SER A 135 9.60 -3.24 -2.74
N THR A 136 8.85 -4.30 -2.34
CA THR A 136 8.57 -4.64 -0.95
C THR A 136 9.82 -5.23 -0.27
N LEU A 137 10.53 -6.16 -0.95
CA LEU A 137 11.76 -6.77 -0.40
C LEU A 137 12.87 -5.78 -0.16
N ILE A 138 12.97 -4.73 -1.01
CA ILE A 138 14.01 -3.68 -0.89
C ILE A 138 13.56 -2.48 -0.02
N SER A 139 12.23 -2.33 0.24
CA SER A 139 11.64 -1.29 1.10
C SER A 139 12.35 -1.08 2.47
N PRO A 140 12.96 -2.09 3.17
CA PRO A 140 13.66 -1.79 4.43
C PRO A 140 14.77 -0.76 4.27
N LEU A 141 15.37 -0.69 3.07
CA LEU A 141 16.44 0.27 2.85
C LEU A 141 15.98 1.50 2.10
N LEU A 142 15.26 1.32 0.99
CA LEU A 142 14.73 2.42 0.18
C LEU A 142 13.69 3.30 0.83
N THR A 143 12.73 2.71 1.59
CA THR A 143 11.67 3.50 2.23
C THR A 143 12.26 4.51 3.24
N PRO A 144 13.15 4.13 4.20
CA PRO A 144 13.69 5.14 5.11
C PRO A 144 14.73 6.02 4.47
N ALA A 145 15.46 5.51 3.44
CA ALA A 145 16.50 6.37 2.83
C ALA A 145 15.88 7.50 2.03
N ILE A 146 14.87 7.19 1.22
CA ILE A 146 14.13 8.19 0.45
C ILE A 146 13.31 9.09 1.40
N PHE A 147 12.70 8.52 2.45
CA PHE A 147 11.99 9.32 3.47
C PHE A 147 12.90 10.39 4.04
N LEU A 148 14.13 10.01 4.40
CA LEU A 148 15.14 10.87 4.98
C LEU A 148 15.55 12.00 4.03
N MET A 149 15.70 11.71 2.74
CA MET A 149 16.08 12.70 1.73
C MET A 149 14.96 13.70 1.45
N LEU A 150 13.70 13.26 1.51
CA LEU A 150 12.58 14.15 1.23
C LEU A 150 12.00 14.90 2.44
N ALA A 151 11.79 14.20 3.57
CA ALA A 151 11.24 14.82 4.78
C ALA A 151 12.29 15.61 5.53
N GLY A 152 13.57 15.27 5.33
CA GLY A 152 14.70 15.97 5.92
C GLY A 152 15.56 15.11 6.81
N GLU A 153 16.88 15.40 6.86
CA GLU A 153 17.85 14.68 7.70
C GLU A 153 17.61 14.88 9.21
N MET A 154 16.59 15.68 9.59
CA MET A 154 16.25 15.95 11.00
C MET A 154 15.54 14.75 11.62
N LEU A 155 15.00 13.86 10.78
CA LEU A 155 14.23 12.69 11.19
C LEU A 155 15.05 11.42 11.09
N GLU A 156 16.38 11.56 11.21
CA GLU A 156 17.30 10.44 11.14
C GLU A 156 16.92 9.31 12.08
N ILE A 157 16.72 9.63 13.38
CA ILE A 157 16.36 8.66 14.42
C ILE A 157 15.14 7.88 14.04
N GLN A 158 14.06 8.61 13.65
CA GLN A 158 12.80 8.02 13.22
C GLN A 158 13.02 7.16 11.97
N ALA A 159 13.73 7.68 10.95
CA ALA A 159 14.00 6.90 9.71
C ALA A 159 14.79 5.62 10.02
N ALA A 160 15.79 5.67 10.93
CA ALA A 160 16.57 4.48 11.32
C ALA A 160 15.67 3.43 11.99
N GLY A 161 14.72 3.88 12.79
CA GLY A 161 13.75 3.03 13.46
C GLY A 161 12.77 2.40 12.47
N MET A 162 12.49 3.12 11.35
CA MET A 162 11.60 2.68 10.27
C MET A 162 12.21 1.45 9.60
N LEU A 163 13.55 1.46 9.41
CA LEU A 163 14.29 0.33 8.85
C LEU A 163 14.00 -0.93 9.67
N MET A 164 14.10 -0.83 11.01
CA MET A 164 13.85 -1.92 11.93
C MET A 164 12.38 -2.38 11.89
N SER A 165 11.45 -1.41 11.86
CA SER A 165 10.02 -1.66 11.80
C SER A 165 9.63 -2.42 10.53
N ILE A 166 10.18 -2.00 9.36
CA ILE A 166 9.88 -2.67 8.09
C ILE A 166 10.43 -4.11 8.13
N VAL A 167 11.68 -4.33 8.64
CA VAL A 167 12.28 -5.67 8.76
C VAL A 167 11.33 -6.61 9.55
N LYS A 168 10.80 -6.12 10.69
CA LYS A 168 9.92 -6.86 11.60
C LYS A 168 8.49 -7.10 11.11
N MET A 169 7.84 -6.11 10.47
CA MET A 169 6.43 -6.19 10.05
C MET A 169 6.23 -6.60 8.60
N VAL A 170 7.27 -6.43 7.79
CA VAL A 170 7.19 -6.69 6.35
C VAL A 170 8.13 -7.83 5.96
N LEU A 171 9.45 -7.66 6.16
CA LEU A 171 10.46 -8.65 5.78
C LEU A 171 10.39 -10.00 6.51
N LEU A 172 10.34 -9.97 7.86
CA LEU A 172 10.20 -11.16 8.71
C LEU A 172 8.95 -11.96 8.29
N PRO A 173 7.73 -11.36 8.26
CA PRO A 173 6.55 -12.14 7.83
C PRO A 173 6.54 -12.63 6.39
N ILE A 174 7.05 -11.84 5.41
CA ILE A 174 7.07 -12.27 4.00
C ILE A 174 7.90 -13.52 3.81
N VAL A 175 9.19 -13.49 4.26
CA VAL A 175 10.09 -14.62 4.15
C VAL A 175 9.47 -15.87 4.80
N LEU A 176 8.96 -15.72 6.04
CA LEU A 176 8.27 -16.79 6.79
C LEU A 176 7.17 -17.44 5.94
N GLY A 177 6.28 -16.61 5.37
CA GLY A 177 5.19 -17.05 4.51
C GLY A 177 5.69 -17.81 3.29
N LEU A 178 6.72 -17.23 2.62
CA LEU A 178 7.38 -17.80 1.44
C LEU A 178 8.01 -19.17 1.73
N ILE A 179 8.64 -19.35 2.93
CA ILE A 179 9.20 -20.65 3.30
C ILE A 179 8.12 -21.67 3.65
N VAL A 180 6.98 -21.22 4.23
CA VAL A 180 5.84 -22.08 4.58
C VAL A 180 5.21 -22.62 3.28
N HIS A 181 5.16 -21.79 2.21
CA HIS A 181 4.67 -22.20 0.89
C HIS A 181 5.60 -23.29 0.33
N LYS A 182 6.93 -23.14 0.48
CA LYS A 182 7.91 -24.14 0.02
C LYS A 182 7.78 -25.45 0.80
N VAL A 183 7.55 -25.34 2.14
CA VAL A 183 7.40 -26.47 3.06
C VAL A 183 6.14 -27.29 2.78
N LEU A 184 4.96 -26.63 2.67
CA LEU A 184 3.68 -27.31 2.44
C LEU A 184 3.29 -27.53 0.97
N GLY A 185 3.83 -26.71 0.07
CA GLY A 185 3.59 -26.79 -1.37
C GLY A 185 2.19 -26.37 -1.76
N SER A 186 1.45 -27.28 -2.39
CA SER A 186 0.08 -27.05 -2.85
C SER A 186 -0.92 -27.03 -1.68
N LYS A 187 -0.51 -27.57 -0.51
CA LYS A 187 -1.33 -27.64 0.70
C LYS A 187 -1.59 -26.25 1.32
N THR A 188 -0.76 -25.24 0.96
CA THR A 188 -0.94 -23.86 1.44
C THR A 188 -2.19 -23.18 0.87
N GLU A 189 -2.85 -23.81 -0.14
CA GLU A 189 -4.07 -23.28 -0.75
C GLU A 189 -5.19 -23.13 0.27
N LYS A 190 -5.35 -24.10 1.19
CA LYS A 190 -6.34 -24.10 2.27
C LYS A 190 -6.14 -22.91 3.21
N LEU A 191 -4.85 -22.57 3.49
CA LEU A 191 -4.47 -21.43 4.32
C LEU A 191 -4.74 -20.11 3.58
N THR A 192 -4.49 -20.10 2.25
CA THR A 192 -4.70 -18.92 1.40
C THR A 192 -6.17 -18.59 1.13
N ASP A 193 -7.10 -19.51 1.42
CA ASP A 193 -8.53 -19.29 1.27
C ASP A 193 -9.03 -18.42 2.42
N ALA A 194 -8.40 -18.57 3.61
CA ALA A 194 -8.74 -17.84 4.82
C ALA A 194 -8.18 -16.41 4.83
N LEU A 195 -7.02 -16.18 4.17
CA LEU A 195 -6.39 -14.86 4.16
C LEU A 195 -7.19 -13.65 3.62
N PRO A 196 -7.99 -13.71 2.51
CA PRO A 196 -8.71 -12.50 2.08
C PRO A 196 -9.55 -11.87 3.18
N LEU A 197 -10.31 -12.68 3.95
CA LEU A 197 -11.14 -12.18 5.04
C LEU A 197 -10.33 -11.73 6.24
N VAL A 198 -9.25 -12.47 6.57
CA VAL A 198 -8.32 -12.16 7.67
C VAL A 198 -7.63 -10.83 7.36
N SER A 199 -7.08 -10.67 6.14
CA SER A 199 -6.39 -9.46 5.65
C SER A 199 -7.30 -8.26 5.65
N VAL A 200 -8.58 -8.43 5.21
CA VAL A 200 -9.56 -7.34 5.21
C VAL A 200 -9.84 -6.91 6.66
N ALA A 201 -10.02 -7.88 7.59
CA ALA A 201 -10.26 -7.61 9.02
C ALA A 201 -9.07 -6.87 9.64
N ALA A 202 -7.81 -7.30 9.34
CA ALA A 202 -6.61 -6.65 9.86
C ALA A 202 -6.49 -5.20 9.38
N ILE A 203 -6.65 -4.95 8.06
CA ILE A 203 -6.56 -3.60 7.51
C ILE A 203 -7.66 -2.63 7.98
N VAL A 204 -8.92 -3.11 8.16
CA VAL A 204 -10.00 -2.22 8.62
C VAL A 204 -9.77 -1.81 10.07
N LEU A 205 -9.10 -2.71 10.83
CA LEU A 205 -8.74 -2.44 12.22
C LEU A 205 -7.62 -1.40 12.29
N ILE A 206 -6.67 -1.42 11.33
CA ILE A 206 -5.60 -0.42 11.25
C ILE A 206 -6.25 0.94 10.95
N ILE A 207 -7.05 0.99 9.87
CA ILE A 207 -7.83 2.18 9.46
C ILE A 207 -8.68 2.73 10.62
N GLY A 208 -9.46 1.85 11.26
CA GLY A 208 -10.30 2.17 12.40
C GLY A 208 -9.52 2.78 13.55
N ALA A 209 -8.40 2.10 13.96
CA ALA A 209 -7.51 2.54 15.02
C ALA A 209 -6.90 3.92 14.74
N VAL A 210 -6.45 4.15 13.49
CA VAL A 210 -5.86 5.43 13.07
C VAL A 210 -6.86 6.58 13.05
N VAL A 211 -8.06 6.35 12.48
CA VAL A 211 -9.08 7.39 12.41
C VAL A 211 -9.52 7.80 13.81
N GLY A 212 -9.77 6.80 14.67
CA GLY A 212 -10.17 7.01 16.06
C GLY A 212 -9.19 7.87 16.83
N ALA A 213 -7.88 7.52 16.79
CA ALA A 213 -6.80 8.25 17.46
C ALA A 213 -6.61 9.68 16.94
N SER A 214 -7.01 9.97 15.68
CA SER A 214 -6.84 11.31 15.12
C SER A 214 -8.13 12.04 14.74
N LYS A 215 -9.26 11.72 15.40
CA LYS A 215 -10.55 12.36 15.16
C LYS A 215 -10.48 13.90 15.09
N GLY A 216 -9.86 14.54 16.07
CA GLY A 216 -9.72 15.99 16.15
C GLY A 216 -8.98 16.61 14.98
N LYS A 217 -7.87 15.98 14.58
CA LYS A 217 -7.05 16.41 13.44
C LYS A 217 -7.77 16.21 12.10
N ILE A 218 -8.53 15.10 11.96
CA ILE A 218 -9.34 14.83 10.78
C ILE A 218 -10.47 15.90 10.71
N MET A 219 -10.99 16.32 11.90
CA MET A 219 -12.04 17.35 11.97
C MET A 219 -11.59 18.70 11.44
N GLU A 220 -10.30 19.01 11.54
CA GLU A 220 -9.78 20.28 11.07
C GLU A 220 -9.06 20.24 9.73
N SER A 221 -8.42 19.10 9.40
CA SER A 221 -7.61 18.92 8.19
C SER A 221 -8.00 17.73 7.28
N GLY A 222 -8.98 16.94 7.70
CA GLY A 222 -9.41 15.73 6.97
C GLY A 222 -9.68 15.90 5.50
N LEU A 223 -10.39 16.97 5.11
CA LEU A 223 -10.71 17.26 3.73
C LEU A 223 -9.47 17.61 2.90
N LEU A 224 -8.54 18.37 3.48
CA LEU A 224 -7.27 18.72 2.85
C LEU A 224 -6.44 17.47 2.61
N ILE A 225 -6.35 16.56 3.61
CA ILE A 225 -5.60 15.31 3.48
C ILE A 225 -6.20 14.46 2.38
N PHE A 226 -7.55 14.36 2.34
CA PHE A 226 -8.25 13.59 1.31
C PHE A 226 -7.98 14.13 -0.08
N ALA A 227 -7.95 15.46 -0.24
CA ALA A 227 -7.68 16.11 -1.53
C ALA A 227 -6.26 15.82 -2.00
N VAL A 228 -5.28 15.77 -1.07
CA VAL A 228 -3.87 15.48 -1.39
C VAL A 228 -3.75 14.01 -1.77
N VAL A 229 -4.45 13.12 -1.05
CA VAL A 229 -4.43 11.68 -1.30
C VAL A 229 -4.84 11.42 -2.73
N VAL A 230 -5.99 12.00 -3.19
CA VAL A 230 -6.53 11.88 -4.55
C VAL A 230 -5.53 12.38 -5.60
N LEU A 231 -4.88 13.52 -5.34
CA LEU A 231 -3.87 14.11 -6.25
C LEU A 231 -2.59 13.27 -6.27
N HIS A 232 -2.18 12.75 -5.10
CA HIS A 232 -0.97 11.92 -5.01
C HIS A 232 -1.13 10.64 -5.83
N ASN A 233 -2.24 9.94 -5.60
CA ASN A 233 -2.56 8.69 -6.25
C ASN A 233 -2.84 8.91 -7.76
N GLY A 234 -3.62 9.95 -8.08
CA GLY A 234 -3.98 10.34 -9.45
C GLY A 234 -2.78 10.67 -10.33
N ILE A 235 -1.87 11.55 -9.84
CA ILE A 235 -0.62 11.93 -10.53
C ILE A 235 0.29 10.69 -10.66
N GLY A 236 0.24 9.81 -9.65
CA GLY A 236 0.95 8.53 -9.66
C GLY A 236 0.53 7.68 -10.84
N TYR A 237 -0.79 7.70 -11.19
CA TYR A 237 -1.28 6.97 -12.37
C TYR A 237 -0.78 7.65 -13.64
N LEU A 238 -0.86 9.00 -13.69
CA LEU A 238 -0.46 9.80 -14.85
C LEU A 238 1.00 9.66 -15.20
N LEU A 239 1.91 9.84 -14.22
CA LEU A 239 3.34 9.70 -14.48
C LEU A 239 3.74 8.25 -14.69
N GLY A 240 2.99 7.33 -14.07
CA GLY A 240 3.20 5.89 -14.20
C GLY A 240 2.96 5.42 -15.62
N PHE A 241 1.88 5.93 -16.24
CA PHE A 241 1.50 5.63 -17.63
C PHE A 241 2.56 6.13 -18.60
N PHE A 242 2.98 7.41 -18.44
CA PHE A 242 3.98 8.02 -19.31
C PHE A 242 5.38 7.45 -19.12
N ALA A 243 5.71 6.95 -17.92
CA ALA A 243 7.01 6.31 -17.68
C ALA A 243 7.07 4.97 -18.42
N ALA A 244 5.92 4.26 -18.47
CA ALA A 244 5.87 2.96 -19.13
C ALA A 244 5.86 3.14 -20.66
N LYS A 245 5.13 4.16 -21.15
CA LYS A 245 5.00 4.52 -22.56
C LYS A 245 6.33 5.06 -23.12
N TRP A 246 6.98 6.02 -22.42
CA TRP A 246 8.23 6.63 -22.87
C TRP A 246 9.45 5.70 -22.87
N THR A 247 9.42 4.62 -22.07
CA THR A 247 10.48 3.59 -22.03
C THR A 247 10.25 2.54 -23.13
N GLY A 248 9.19 2.73 -23.92
CA GLY A 248 8.84 1.86 -25.05
C GLY A 248 8.16 0.55 -24.68
N LEU A 249 7.61 0.45 -23.46
CA LEU A 249 6.93 -0.77 -23.01
C LEU A 249 5.59 -1.03 -23.70
N PRO A 250 5.20 -2.32 -23.87
CA PRO A 250 3.90 -2.61 -24.54
C PRO A 250 2.70 -2.20 -23.72
N TYR A 251 1.53 -2.06 -24.37
CA TYR A 251 0.25 -1.64 -23.77
C TYR A 251 -0.12 -2.38 -22.48
N ASP A 252 0.11 -3.71 -22.42
CA ASP A 252 -0.17 -4.51 -21.23
C ASP A 252 0.70 -4.05 -20.06
N ALA A 253 1.99 -3.78 -20.32
CA ALA A 253 2.93 -3.29 -19.32
C ALA A 253 2.60 -1.84 -18.92
N GLN A 254 2.06 -1.03 -19.85
CA GLN A 254 1.67 0.37 -19.58
C GLN A 254 0.54 0.42 -18.57
N LYS A 255 -0.40 -0.55 -18.63
CA LYS A 255 -1.52 -0.62 -17.70
C LYS A 255 -1.07 -1.08 -16.32
N THR A 256 -0.15 -2.06 -16.26
CA THR A 256 0.38 -2.60 -15.01
C THR A 256 1.16 -1.58 -14.21
N LEU A 257 2.08 -0.86 -14.88
CA LEU A 257 2.93 0.15 -14.25
C LEU A 257 2.13 1.36 -13.80
N THR A 258 1.06 1.76 -14.56
CA THR A 258 0.19 2.85 -14.14
C THR A 258 -0.38 2.49 -12.74
N ILE A 259 -1.05 1.33 -12.65
CA ILE A 259 -1.66 0.84 -11.40
C ILE A 259 -0.62 0.68 -10.32
N GLU A 260 0.50 -0.02 -10.65
CA GLU A 260 1.60 -0.30 -9.72
C GLU A 260 2.04 0.93 -9.01
N VAL A 261 2.35 2.00 -9.78
CA VAL A 261 2.83 3.28 -9.26
C VAL A 261 1.78 3.91 -8.33
N GLY A 262 0.58 4.18 -8.86
CA GLY A 262 -0.51 4.82 -8.13
C GLY A 262 -0.95 4.12 -6.85
N MET A 263 -0.88 2.78 -6.84
CA MET A 263 -1.26 1.98 -5.66
C MET A 263 -0.08 1.74 -4.72
N GLN A 264 -0.32 2.00 -3.41
CA GLN A 264 0.68 1.97 -2.37
C GLN A 264 0.34 1.01 -1.24
N ASN A 265 1.38 0.55 -0.53
CA ASN A 265 1.23 -0.22 0.70
C ASN A 265 1.06 0.88 1.78
N SER A 266 -0.13 1.53 1.79
CA SER A 266 -0.45 2.61 2.68
C SER A 266 -0.74 2.16 4.11
N GLY A 267 -1.02 0.83 4.28
CA GLY A 267 -1.13 0.20 5.59
C GLY A 267 0.24 0.21 6.26
N LEU A 268 1.33 0.09 5.45
CA LEU A 268 2.69 0.18 6.03
C LEU A 268 2.92 1.62 6.51
N ALA A 269 2.46 2.61 5.74
CA ALA A 269 2.62 4.02 6.06
C ALA A 269 1.88 4.36 7.34
N ALA A 270 0.69 3.78 7.54
CA ALA A 270 -0.10 3.98 8.76
C ALA A 270 0.64 3.33 9.92
N ALA A 271 1.17 2.12 9.72
CA ALA A 271 1.97 1.41 10.76
C ALA A 271 3.23 2.15 11.18
N LEU A 272 3.97 2.73 10.21
CA LEU A 272 5.22 3.45 10.49
C LEU A 272 4.99 4.77 11.19
N ALA A 273 3.87 5.45 10.86
CA ALA A 273 3.49 6.72 11.49
C ALA A 273 3.05 6.49 12.93
N ALA A 274 2.33 5.37 13.19
CA ALA A 274 1.87 5.00 14.54
C ALA A 274 3.03 4.56 15.40
N ALA A 275 4.01 3.85 14.84
CA ALA A 275 5.17 3.42 15.60
C ALA A 275 6.20 4.53 15.82
N HIS A 276 6.43 5.41 14.83
CA HIS A 276 7.51 6.40 14.90
C HIS A 276 7.13 7.84 15.05
N PHE A 277 5.84 8.17 14.87
CA PHE A 277 5.34 9.54 15.09
C PHE A 277 4.05 9.44 15.91
N ALA A 278 4.05 8.55 16.93
CA ALA A 278 2.90 8.29 17.79
C ALA A 278 2.30 9.53 18.46
N ALA A 279 3.13 10.52 18.84
CA ALA A 279 2.63 11.75 19.50
C ALA A 279 1.92 12.69 18.52
N ALA A 280 2.03 12.41 17.21
CA ALA A 280 1.38 13.18 16.13
C ALA A 280 0.43 12.24 15.35
N PRO A 281 -0.79 11.95 15.88
CA PRO A 281 -1.70 11.02 15.18
C PRO A 281 -2.11 11.35 13.75
N VAL A 282 -1.95 12.62 13.32
CA VAL A 282 -2.29 13.06 11.96
C VAL A 282 -1.34 12.51 10.89
N VAL A 283 -0.09 12.14 11.28
CA VAL A 283 0.92 11.60 10.35
C VAL A 283 0.41 10.30 9.71
N ALA A 284 -0.35 9.48 10.46
CA ALA A 284 -0.92 8.19 10.04
C ALA A 284 -2.19 8.39 9.18
N VAL A 285 -2.80 9.60 9.23
CA VAL A 285 -4.03 9.87 8.45
C VAL A 285 -3.83 9.74 6.92
N PRO A 286 -2.80 10.36 6.25
CA PRO A 286 -2.66 10.16 4.80
C PRO A 286 -2.62 8.68 4.41
N GLY A 287 -1.93 7.86 5.21
CA GLY A 287 -1.84 6.42 4.98
C GLY A 287 -3.16 5.69 5.13
N ALA A 288 -3.97 6.05 6.15
CA ALA A 288 -5.27 5.45 6.41
C ALA A 288 -6.27 5.79 5.30
N LEU A 289 -6.31 7.06 4.88
CA LEU A 289 -7.24 7.48 3.82
C LEU A 289 -6.82 6.96 2.45
N PHE A 290 -5.49 6.81 2.22
CA PHE A 290 -4.96 6.29 0.95
C PHE A 290 -5.45 4.86 0.74
N SER A 291 -5.40 4.02 1.81
CA SER A 291 -5.86 2.63 1.85
C SER A 291 -7.32 2.49 1.40
N VAL A 292 -8.15 3.49 1.69
CA VAL A 292 -9.57 3.49 1.26
C VAL A 292 -9.61 4.01 -0.20
N TRP A 293 -9.03 5.19 -0.45
CA TRP A 293 -9.02 5.80 -1.78
C TRP A 293 -8.46 5.04 -2.97
N HIS A 294 -7.20 4.50 -2.89
CA HIS A 294 -6.57 3.86 -4.04
C HIS A 294 -7.29 2.63 -4.57
N ASN A 295 -8.03 1.95 -3.69
CA ASN A 295 -8.85 0.81 -4.10
C ASN A 295 -10.05 1.34 -4.93
N ILE A 296 -10.58 2.54 -4.60
CA ILE A 296 -11.69 3.14 -5.36
C ILE A 296 -11.18 3.61 -6.73
N SER A 297 -10.04 4.34 -6.76
CA SER A 297 -9.48 4.86 -8.01
C SER A 297 -8.88 3.75 -8.88
N GLY A 298 -8.30 2.74 -8.24
CA GLY A 298 -7.68 1.58 -8.88
C GLY A 298 -8.74 0.77 -9.59
N SER A 299 -9.87 0.52 -8.90
CA SER A 299 -11.00 -0.22 -9.48
C SER A 299 -11.64 0.53 -10.65
N LEU A 300 -11.80 1.87 -10.54
CA LEU A 300 -12.40 2.66 -11.63
C LEU A 300 -11.55 2.66 -12.90
N LEU A 301 -10.22 2.76 -12.72
CA LEU A 301 -9.25 2.74 -13.81
C LEU A 301 -9.17 1.33 -14.40
N ALA A 302 -9.20 0.28 -13.55
CA ALA A 302 -9.19 -1.12 -13.96
C ALA A 302 -10.46 -1.46 -14.75
N THR A 303 -11.62 -0.90 -14.33
CA THR A 303 -12.92 -1.09 -14.98
C THR A 303 -12.91 -0.46 -16.37
N TYR A 304 -12.37 0.77 -16.51
CA TYR A 304 -12.27 1.46 -17.81
C TYR A 304 -11.49 0.60 -18.82
N TRP A 305 -10.36 0.00 -18.36
CA TRP A 305 -9.52 -0.86 -19.21
C TRP A 305 -10.10 -2.22 -19.52
N ALA A 306 -10.78 -2.85 -18.52
CA ALA A 306 -11.48 -4.13 -18.71
C ALA A 306 -12.64 -3.94 -19.71
N ALA A 307 -13.26 -2.74 -19.71
CA ALA A 307 -14.35 -2.43 -20.66
C ALA A 307 -13.78 -2.20 -22.06
N LYS A 308 -12.56 -1.62 -22.14
CA LYS A 308 -11.86 -1.31 -23.39
C LYS A 308 -11.33 -2.58 -24.05
N ALA A 309 -10.68 -3.46 -23.27
CA ALA A 309 -10.11 -4.72 -23.75
C ALA A 309 -11.17 -5.81 -23.87
NA NA B . 1.73 -5.41 -8.38
NA NA C . 2.87 2.26 -5.96
C1 TCH D . -4.87 -7.25 1.87
C2 TCH D . -3.59 -6.89 1.11
C3 TCH D . -3.12 -5.51 1.62
O3 TCH D . -1.82 -5.18 1.08
C4 TCH D . -4.16 -4.44 1.28
C5 TCH D . -5.51 -4.81 1.93
C6 TCH D . -6.56 -3.75 1.61
C7 TCH D . -7.14 -3.88 0.19
O7 TCH D . -6.26 -3.28 -0.76
C8 TCH D . -7.59 -5.31 -0.18
C9 TCH D . -6.48 -6.37 0.13
C10 TCH D . -6.00 -6.24 1.61
C11 TCH D . -6.96 -7.79 -0.21
C12 TCH D . -7.48 -7.92 -1.66
O12 TCH D . -6.41 -7.74 -2.60
C13 TCH D . -8.59 -6.89 -1.97
C14 TCH D . -8.03 -5.45 -1.64
C15 TCH D . -9.13 -4.52 -2.19
C16 TCH D . -9.50 -5.21 -3.53
C17 TCH D . -9.04 -6.71 -3.43
C18 TCH D . -9.80 -7.19 -1.04
C19 TCH D . -7.16 -6.57 2.57
O1S TCH D . -16.51 -9.42 -10.51
C20 TCH D . -10.13 -7.68 -3.94
C21 TCH D . -9.67 -9.13 -3.85
C22 TCH D . -10.52 -7.40 -5.41
C23 TCH D . -11.88 -8.02 -5.70
C24 TCH D . -12.16 -8.02 -7.18
N24 TCH D . -13.20 -7.27 -7.66
O24 TCH D . -11.45 -8.69 -7.91
C25 TCH D . -13.59 -7.19 -9.08
C26 TCH D . -15.05 -7.65 -9.22
S26 TCH D . -15.34 -8.50 -10.80
O2S TCH D . -15.91 -7.61 -11.77
O3S TCH D . -14.31 -9.43 -11.11
C1 TCH E . 11.54 -6.57 -23.63
C2 TCH E . 10.27 -6.88 -22.83
C3 TCH E . 8.97 -6.73 -23.62
O3 TCH E . 7.89 -6.88 -22.68
C4 TCH E . 8.92 -5.37 -24.33
C5 TCH E . 10.15 -5.21 -25.26
C6 TCH E . 10.03 -3.96 -26.17
C7 TCH E . 10.50 -2.66 -25.49
O7 TCH E . 9.55 -2.31 -24.50
C8 TCH E . 11.87 -2.82 -24.79
C9 TCH E . 11.77 -3.97 -23.74
C10 TCH E . 11.49 -5.30 -24.49
C11 TCH E . 12.95 -4.06 -22.76
C12 TCH E . 13.33 -2.68 -22.17
O12 TCH E . 12.24 -2.19 -21.42
C13 TCH E . 13.63 -1.69 -23.31
C14 TCH E . 12.33 -1.51 -24.18
C15 TCH E . 12.69 -0.35 -25.15
C16 TCH E . 13.72 0.51 -24.35
C17 TCH E . 13.92 -0.23 -22.98
C18 TCH E . 14.80 -2.26 -24.14
C19 TCH E . 12.65 -5.51 -25.46
N1 LDA F . -13.15 -2.11 -4.52
O1 LDA F . -12.93 -1.90 -3.10
CM1 LDA F . -13.66 -3.46 -4.76
CM2 LDA F . -11.85 -2.08 -5.18
C1 LDA F . -14.00 -1.04 -5.09
C2 LDA F . -15.46 -1.03 -4.60
C3 LDA F . -16.26 -0.08 -5.50
C4 LDA F . -17.76 -0.06 -5.15
C5 LDA F . -18.59 -0.45 -6.38
C6 LDA F . -19.93 0.29 -6.40
N1 LDA G . 16.59 -20.37 -6.87
O1 LDA G . 16.56 -19.63 -8.14
CM1 LDA G . 17.95 -20.29 -6.31
CM2 LDA G . 16.28 -21.79 -7.16
C1 LDA G . 15.62 -19.79 -5.89
C2 LDA G . 15.68 -18.23 -5.84
C3 LDA G . 14.61 -17.63 -6.76
C4 LDA G . 14.50 -16.11 -6.55
C5 LDA G . 13.42 -15.79 -5.51
C6 LDA G . 14.00 -14.78 -4.50
C7 LDA G . 13.65 -13.38 -4.98
C8 LDA G . 14.69 -12.38 -4.51
C9 LDA G . 14.17 -10.99 -4.85
C10 LDA G . 15.19 -10.23 -5.66
C11 LDA G . 15.09 -8.76 -5.31
C12 LDA G . 15.69 -7.94 -6.44
N1 LDA H . 6.18 -3.67 18.87
O1 LDA H . 7.20 -3.32 17.87
CM1 LDA H . 4.99 -2.82 18.70
CM2 LDA H . 6.73 -3.37 20.21
C1 LDA H . 5.81 -5.11 18.75
C2 LDA H . 5.29 -5.48 17.34
C3 LDA H . 5.82 -6.83 16.79
C4 LDA H . 5.43 -6.91 15.31
C5 LDA H . 6.10 -8.08 14.60
C6 LDA H . 5.06 -8.80 13.73
C7 LDA H . 5.59 -10.15 13.27
C8 LDA H . 4.56 -10.83 12.35
C9 LDA H . 4.65 -12.35 12.47
C10 LDA H . 3.68 -13.00 11.47
C11 LDA H . 2.40 -13.47 12.19
C12 LDA H . 1.78 -14.68 11.47
N1 LDA I . -16.11 -3.71 -10.69
O1 LDA I . -15.08 -4.15 -9.73
CM1 LDA I . -17.42 -4.25 -10.26
CM2 LDA I . -15.77 -4.26 -12.01
C1 LDA I . -16.18 -2.24 -10.78
C2 LDA I . -16.20 -1.52 -9.43
C3 LDA I . -16.82 -0.13 -9.59
C4 LDA I . -15.71 0.93 -9.70
C5 LDA I . -15.80 1.88 -8.51
C1 LDA J . 22.01 -4.90 -17.85
C2 LDA J . 21.71 -5.12 -16.35
C3 LDA J . 20.19 -5.27 -16.15
C4 LDA J . 19.86 -5.25 -14.65
C5 LDA J . 20.01 -6.62 -14.02
C6 LDA J . 19.48 -6.47 -12.60
C7 LDA J . 18.87 -7.76 -12.06
C8 LDA J . 18.59 -7.52 -10.57
C9 LDA J . 18.12 -8.81 -9.92
C1 PTY K . -4.71 7.73 -19.06
C2 PTY K . -3.03 6.13 -24.84
C3 PTY K . -4.39 5.45 -24.89
O4 PTY K . -3.96 7.23 -18.03
C5 PTY K . -6.14 6.81 -20.85
C6 PTY K . -5.99 6.98 -19.36
O7 PTY K . -7.04 7.57 -18.58
C8 PTY K . -8.43 7.43 -18.51
O10 PTY K . -8.99 7.26 -19.56
C11 PTY K . -9.12 7.54 -17.17
C12 PTY K . -10.16 6.50 -16.77
C13 PTY K . -10.94 7.06 -15.58
C14 PTY K . -10.16 7.12 -14.28
C15 PTY K . -10.70 8.00 -13.10
C16 PTY K . -9.71 8.23 -11.89
C17 PTY K . -10.13 8.81 -10.50
C18 PTY K . -9.83 10.35 -10.33
C19 PTY K . -10.73 11.29 -9.40
C30 PTY K . -4.34 7.30 -16.71
C31 PTY K . -4.71 8.63 -16.02
O30 PTY K . -4.31 6.27 -16.22
C32 PTY K . -5.56 8.52 -14.83
C33 PTY K . -5.20 9.69 -13.97
C34 PTY K . -6.31 10.19 -12.99
C35 PTY K . -6.55 11.75 -12.84
C36 PTY K . -6.53 12.00 -11.34
C37 PTY K . -5.97 13.42 -11.06
C38 PTY K . -6.63 14.07 -9.93
P1 PTY K . -6.07 4.79 -22.80
O11 PTY K . -4.96 5.73 -23.60
O12 PTY K . -7.39 4.66 -23.50
O13 PTY K . -5.66 3.22 -22.86
O14 PTY K . -6.03 5.41 -21.23
N1 PTY K . -3.34 7.49 -25.27
C1 PTY L . -17.92 -1.94 -17.61
C2 PTY L . -14.72 -8.17 -16.90
C3 PTY L . -15.41 -7.60 -18.14
O4 PTY L . -18.03 -0.60 -17.77
C5 PTY L . -18.13 -3.82 -15.96
C6 PTY L . -18.10 -2.34 -16.17
O7 PTY L . -19.06 -1.50 -15.55
C8 PTY L . -19.37 -1.26 -14.23
O10 PTY L . -19.43 -2.24 -13.56
C11 PTY L . -19.58 0.16 -13.79
C12 PTY L . -20.24 0.44 -12.46
C13 PTY L . -19.72 1.82 -12.04
C14 PTY L . -20.48 2.43 -10.90
C15 PTY L . -19.75 2.67 -9.52
C16 PTY L . -20.30 3.94 -8.74
C17 PTY L . -20.25 4.16 -7.19
C18 PTY L . -19.19 5.23 -6.74
C19 PTY L . -18.20 4.96 -5.53
C30 PTY L . -18.91 -0.04 -18.65
C31 PTY L . -18.41 0.76 -19.86
O30 PTY L . -19.99 -0.26 -18.35
C32 PTY L . -19.06 2.03 -20.13
C33 PTY L . -18.51 2.50 -21.43
C34 PTY L . -17.04 3.06 -21.39
C35 PTY L . -16.66 4.38 -22.17
C36 PTY L . -15.57 4.97 -21.30
C37 PTY L . -16.23 5.86 -20.20
C38 PTY L . -15.48 5.84 -18.93
C39 PTY L . -15.17 7.18 -18.35
C40 PTY L . -15.07 6.80 -16.92
C41 PTY L . -15.00 8.09 -16.11
C42 PTY L . -15.53 7.84 -14.67
C43 PTY L . -14.93 8.93 -13.72
C44 PTY L . -15.76 9.65 -12.69
P1 PTY L . -16.78 -5.19 -18.01
O11 PTY L . -15.46 -6.20 -17.81
O12 PTY L . -16.73 -4.38 -19.28
O13 PTY L . -18.12 -6.04 -18.38
O14 PTY L . -16.92 -4.40 -16.53
N1 PTY L . -13.32 -8.04 -17.28
#